data_5TR9
#
_entry.id   5TR9
#
_cell.length_a   163.010
_cell.length_b   163.010
_cell.length_c   163.010
_cell.angle_alpha   90.000
_cell.angle_beta   90.000
_cell.angle_gamma   90.000
#
_symmetry.space_group_name_H-M   'I 21 3'
#
loop_
_entity.id
_entity.type
_entity.pdbx_description
1 polymer 'Ferredoxin-NADP reductase'
2 non-polymer 'FLAVIN-ADENINE DINUCLEOTIDE'
3 non-polymer 1,2-ETHANEDIOL
4 non-polymer 'CHLORIDE ION'
5 non-polymer 'MAGNESIUM ION'
6 non-polymer 'SODIUM ION'
7 water water
#
_entity_poly.entity_id   1
_entity_poly.type   'polypeptide(L)'
_entity_poly.pdbx_seq_one_letter_code
;MAHHHHHHMAASPEAKFTEEKILWVKHHTPKLITFAISRPESYRFKAGQFSRLGFYEGKGFIWRAYSVVSAEYADTLEYF
AVLIQDGPMSALFAKMQQGDTILLDKNATGFLLPERFPDGKDLVMLCTGSGIAPFLSILEQPEIRQRFDTVNLIHSVSFP
EELIFNDRLAALSEHPLVGEYGHSFRFVPVTTRAANPSGLSGKRIPELLKNNSIEQALHTKLTPESTRFMICGNPEMVKD
TFQTLLDMGYAMHRNRIPGQIMMENGF
;
_entity_poly.pdbx_strand_id   A,B
#
# COMPACT_ATOMS: atom_id res chain seq x y z
N GLU A 14 -14.82 2.10 40.55
CA GLU A 14 -14.90 3.46 40.04
C GLU A 14 -15.07 3.45 38.50
N ALA A 15 -14.35 4.34 37.83
CA ALA A 15 -14.42 4.41 36.37
C ALA A 15 -13.80 3.16 35.74
N LYS A 16 -14.14 2.94 34.47
CA LYS A 16 -13.65 1.78 33.72
C LYS A 16 -12.30 2.04 33.07
N PHE A 17 -11.73 3.23 33.25
CA PHE A 17 -10.46 3.59 32.64
C PHE A 17 -9.70 4.52 33.58
N THR A 18 -8.42 4.73 33.27
CA THR A 18 -7.60 5.73 33.93
C THR A 18 -7.07 6.73 32.91
N GLU A 19 -6.75 7.92 33.41
CA GLU A 19 -6.12 8.96 32.61
C GLU A 19 -4.60 8.76 32.67
N GLU A 20 -4.01 8.48 31.53
CA GLU A 20 -2.56 8.31 31.41
C GLU A 20 -1.98 9.44 30.56
N LYS A 21 -0.66 9.41 30.37
CA LYS A 21 0.04 10.43 29.60
C LYS A 21 0.78 9.81 28.43
N ILE A 22 0.75 10.49 27.28
CA ILE A 22 1.66 10.14 26.19
C ILE A 22 3.09 10.46 26.63
N LEU A 23 3.98 9.47 26.53
CA LEU A 23 5.37 9.71 26.89
C LEU A 23 6.21 10.12 25.68
N TRP A 24 5.99 9.49 24.53
CA TRP A 24 6.73 9.85 23.33
C TRP A 24 6.07 9.17 22.14
N VAL A 25 6.31 9.74 20.96
CA VAL A 25 5.84 9.19 19.69
C VAL A 25 7.03 9.13 18.75
N LYS A 26 7.21 7.97 18.11
CA LYS A 26 8.33 7.74 17.20
C LYS A 26 7.78 7.42 15.82
N HIS A 27 8.13 8.21 14.83
CA HIS A 27 7.81 7.89 13.44
C HIS A 27 8.88 6.99 12.86
N HIS A 28 8.47 5.79 12.43
CA HIS A 28 9.36 4.91 11.70
C HIS A 28 9.29 5.18 10.20
N THR A 29 8.11 5.53 9.72
CA THR A 29 7.83 6.08 8.40
C THR A 29 6.83 7.21 8.64
N PRO A 30 6.43 7.96 7.61
CA PRO A 30 5.41 8.98 7.82
C PRO A 30 4.10 8.45 8.38
N LYS A 31 3.79 7.17 8.19
CA LYS A 31 2.49 6.65 8.60
CA LYS A 31 2.50 6.61 8.56
C LYS A 31 2.58 5.47 9.56
N LEU A 32 3.77 5.09 10.01
CA LEU A 32 3.93 4.01 10.99
C LEU A 32 4.58 4.57 12.24
N ILE A 33 3.87 4.52 13.37
CA ILE A 33 4.41 5.05 14.62
C ILE A 33 4.44 3.96 15.67
N THR A 34 5.40 4.07 16.58
CA THR A 34 5.26 3.46 17.89
C THR A 34 5.17 4.60 18.91
N PHE A 35 4.50 4.32 20.02
CA PHE A 35 4.40 5.33 21.06
C PHE A 35 4.26 4.63 22.41
N ALA A 36 4.67 5.32 23.46
CA ALA A 36 4.60 4.80 24.82
C ALA A 36 3.71 5.69 25.65
N ILE A 37 3.00 5.07 26.60
CA ILE A 37 2.17 5.79 27.54
C ILE A 37 2.52 5.32 28.96
N SER A 38 2.17 6.15 29.94
CA SER A 38 2.39 5.76 31.32
C SER A 38 1.52 4.55 31.67
N ARG A 39 2.04 3.72 32.56
CA ARG A 39 1.42 2.44 32.93
C ARG A 39 1.08 2.47 34.40
N PRO A 40 -0.19 2.41 34.79
CA PRO A 40 -0.51 2.37 36.21
C PRO A 40 -0.03 1.07 36.83
N GLU A 41 0.28 1.16 38.12
CA GLU A 41 0.76 0.02 38.89
C GLU A 41 -0.19 -1.15 38.80
N SER A 42 -1.49 -0.89 38.70
CA SER A 42 -2.50 -1.93 38.71
C SER A 42 -2.76 -2.56 37.35
N TYR A 43 -2.14 -2.08 36.27
CA TYR A 43 -2.51 -2.57 34.94
C TYR A 43 -1.74 -3.87 34.64
N ARG A 44 -2.47 -4.98 34.54
CA ARG A 44 -1.91 -6.28 34.25
C ARG A 44 -2.36 -6.75 32.88
N PHE A 45 -1.47 -7.43 32.16
CA PHE A 45 -1.89 -8.07 30.92
C PHE A 45 -1.04 -9.31 30.70
N LYS A 46 -1.52 -10.19 29.84
CA LYS A 46 -0.75 -11.32 29.38
C LYS A 46 -0.22 -11.02 27.98
N ALA A 47 1.04 -11.38 27.73
CA ALA A 47 1.62 -11.10 26.43
C ALA A 47 0.78 -11.69 25.31
N GLY A 48 0.48 -10.85 24.30
CA GLY A 48 -0.42 -11.20 23.22
C GLY A 48 -1.76 -10.51 23.30
N GLN A 49 -2.10 -9.94 24.45
CA GLN A 49 -3.39 -9.29 24.63
C GLN A 49 -3.36 -7.84 24.16
N PHE A 50 -4.56 -7.25 24.08
CA PHE A 50 -4.70 -5.88 23.62
C PHE A 50 -5.38 -4.99 24.66
N SER A 51 -5.01 -3.70 24.61
CA SER A 51 -5.59 -2.63 25.40
C SER A 51 -6.69 -1.94 24.60
N ARG A 52 -7.52 -1.19 25.30
CA ARG A 52 -8.42 -0.23 24.68
CA ARG A 52 -8.42 -0.23 24.68
C ARG A 52 -7.96 1.16 25.10
N LEU A 53 -7.63 1.99 24.13
CA LEU A 53 -7.13 3.34 24.34
C LEU A 53 -8.18 4.33 23.86
N GLY A 54 -8.23 5.49 24.51
CA GLY A 54 -9.27 6.43 24.18
C GLY A 54 -8.83 7.86 24.38
N PHE A 55 -9.64 8.77 23.85
CA PHE A 55 -9.47 10.19 24.08
C PHE A 55 -10.81 10.81 24.44
N TYR A 56 -10.77 11.84 25.29
CA TYR A 56 -11.91 12.74 25.40
C TYR A 56 -12.04 13.51 24.10
N GLU A 57 -13.25 13.53 23.53
CA GLU A 57 -13.54 14.29 22.31
C GLU A 57 -14.77 15.14 22.60
N GLY A 58 -14.58 16.44 22.85
CA GLY A 58 -15.71 17.26 23.25
C GLY A 58 -16.32 16.67 24.51
N LYS A 59 -17.63 16.52 24.52
CA LYS A 59 -18.34 15.90 25.64
C LYS A 59 -18.40 14.39 25.55
N GLY A 60 -17.79 13.80 24.54
CA GLY A 60 -17.80 12.35 24.36
C GLY A 60 -16.44 11.69 24.35
N PHE A 61 -16.37 10.54 23.70
CA PHE A 61 -15.18 9.71 23.71
C PHE A 61 -14.94 9.14 22.32
N ILE A 62 -13.71 8.72 22.09
CA ILE A 62 -13.40 7.79 21.01
C ILE A 62 -12.48 6.72 21.59
N TRP A 63 -12.76 5.47 21.24
CA TRP A 63 -12.01 4.31 21.75
C TRP A 63 -11.61 3.40 20.61
N ARG A 64 -10.39 2.84 20.71
CA ARG A 64 -9.90 1.84 19.77
C ARG A 64 -9.00 0.84 20.47
N ALA A 65 -8.91 -0.37 19.91
CA ALA A 65 -8.08 -1.44 20.47
C ALA A 65 -6.69 -1.45 19.84
N TYR A 66 -5.66 -1.75 20.66
CA TYR A 66 -4.27 -1.86 20.20
C TYR A 66 -3.58 -2.97 20.97
N SER A 67 -2.89 -3.85 20.25
CA SER A 67 -2.11 -4.89 20.95
C SER A 67 -0.90 -4.28 21.66
N VAL A 68 -0.66 -4.72 22.90
CA VAL A 68 0.52 -4.21 23.60
C VAL A 68 1.78 -4.77 22.93
N VAL A 69 2.71 -3.89 22.56
CA VAL A 69 3.95 -4.37 21.96
CA VAL A 69 3.98 -4.28 21.94
C VAL A 69 5.08 -4.46 22.98
N SER A 70 4.97 -3.77 24.11
CA SER A 70 6.00 -3.83 25.13
C SER A 70 5.88 -5.09 25.98
N ALA A 71 6.92 -5.32 26.78
CA ALA A 71 6.99 -6.50 27.61
C ALA A 71 6.05 -6.39 28.81
N GLU A 72 5.55 -7.55 29.25
CA GLU A 72 4.70 -7.60 30.43
CA GLU A 72 4.72 -7.61 30.45
C GLU A 72 5.37 -6.95 31.65
N TYR A 73 6.69 -7.05 31.74
CA TYR A 73 7.45 -6.56 32.88
C TYR A 73 7.97 -5.14 32.68
N ALA A 74 7.67 -4.50 31.54
CA ALA A 74 8.19 -3.16 31.33
C ALA A 74 7.44 -2.14 32.20
N ASP A 75 8.01 -0.94 32.32
CA ASP A 75 7.49 0.09 33.21
C ASP A 75 6.67 1.14 32.47
N THR A 76 6.36 0.89 31.20
CA THR A 76 5.52 1.72 30.36
C THR A 76 4.75 0.76 29.47
N LEU A 77 3.78 1.28 28.72
CA LEU A 77 3.06 0.53 27.71
C LEU A 77 3.39 1.11 26.35
N GLU A 78 3.77 0.25 25.41
CA GLU A 78 4.08 0.68 24.06
CA GLU A 78 4.10 0.65 24.05
C GLU A 78 3.13 0.04 23.06
N TYR A 79 2.83 0.80 21.99
CA TYR A 79 1.90 0.38 20.96
C TYR A 79 2.47 0.71 19.59
N PHE A 80 2.01 -0.02 18.57
CA PHE A 80 2.39 0.17 17.18
C PHE A 80 1.12 0.45 16.39
N ALA A 81 1.03 1.65 15.79
CA ALA A 81 -0.16 2.06 15.05
C ALA A 81 0.16 2.45 13.62
N VAL A 82 -0.69 2.01 12.71
CA VAL A 82 -0.66 2.45 11.31
CA VAL A 82 -0.66 2.46 11.31
C VAL A 82 -1.65 3.60 11.16
N LEU A 83 -1.18 4.72 10.60
CA LEU A 83 -2.07 5.88 10.44
C LEU A 83 -2.90 5.71 9.17
N ILE A 84 -4.23 5.67 9.34
CA ILE A 84 -5.15 5.37 8.26
C ILE A 84 -5.71 6.67 7.70
N GLN A 85 -5.66 6.83 6.37
CA GLN A 85 -6.25 7.98 5.72
C GLN A 85 -7.72 8.12 6.11
N ASP A 86 -8.09 9.31 6.58
CA ASP A 86 -9.44 9.68 6.99
C ASP A 86 -9.91 8.96 8.24
N GLY A 87 -9.05 8.21 8.91
CA GLY A 87 -9.43 7.53 10.13
C GLY A 87 -9.45 8.48 11.31
N PRO A 88 -10.51 8.43 12.13
CA PRO A 88 -10.60 9.42 13.23
C PRO A 88 -9.57 9.24 14.31
N MET A 89 -9.28 8.02 14.76
CA MET A 89 -8.24 7.86 15.77
C MET A 89 -6.87 8.23 15.19
N SER A 90 -6.66 7.87 13.92
CA SER A 90 -5.38 8.17 13.28
C SER A 90 -5.11 9.67 13.25
N ALA A 91 -6.16 10.49 13.03
CA ALA A 91 -5.97 11.93 13.04
C ALA A 91 -5.54 12.42 14.41
N LEU A 92 -6.07 11.81 15.47
CA LEU A 92 -5.64 12.20 16.81
C LEU A 92 -4.22 11.73 17.08
N PHE A 93 -3.89 10.50 16.68
CA PHE A 93 -2.52 10.03 16.86
C PHE A 93 -1.52 10.93 16.14
N ALA A 94 -1.91 11.46 14.98
CA ALA A 94 -0.99 12.26 14.19
C ALA A 94 -0.66 13.59 14.86
N LYS A 95 -1.54 14.06 15.75
CA LYS A 95 -1.37 15.34 16.43
C LYS A 95 -0.89 15.23 17.87
N MET A 96 -0.91 14.04 18.45
CA MET A 96 -0.62 13.92 19.88
C MET A 96 0.88 14.05 20.15
N GLN A 97 1.20 14.48 21.38
CA GLN A 97 2.59 14.60 21.75
C GLN A 97 2.74 14.42 23.25
N GLN A 98 4.00 14.29 23.67
CA GLN A 98 4.34 14.07 25.07
C GLN A 98 3.58 15.00 26.01
N GLY A 99 2.97 14.41 27.04
CA GLY A 99 2.25 15.16 28.06
C GLY A 99 0.76 15.22 27.82
N ASP A 100 0.30 14.88 26.62
CA ASP A 100 -1.13 14.81 26.33
C ASP A 100 -1.77 13.64 27.10
N THR A 101 -3.04 13.83 27.43
CA THR A 101 -3.81 12.80 28.13
C THR A 101 -4.33 11.76 27.15
N ILE A 102 -4.16 10.49 27.50
CA ILE A 102 -4.77 9.38 26.78
C ILE A 102 -5.41 8.48 27.83
N LEU A 103 -6.53 7.86 27.45
CA LEU A 103 -7.32 7.05 28.38
C LEU A 103 -6.99 5.58 28.16
N LEU A 104 -6.83 4.84 29.28
CA LEU A 104 -6.48 3.43 29.24
C LEU A 104 -7.57 2.63 29.96
N ASP A 105 -8.31 1.82 29.20
CA ASP A 105 -9.28 0.93 29.81
C ASP A 105 -8.56 0.02 30.81
N LYS A 106 -9.20 -0.21 31.97
CA LYS A 106 -8.52 -0.95 33.03
C LYS A 106 -8.31 -2.43 32.68
N ASN A 107 -9.00 -2.94 31.67
CA ASN A 107 -8.95 -4.37 31.36
C ASN A 107 -8.23 -4.59 30.04
N ALA A 108 -7.30 -5.56 30.03
CA ALA A 108 -6.72 -6.08 28.80
C ALA A 108 -7.45 -7.36 28.42
N THR A 109 -7.52 -7.61 27.10
CA THR A 109 -8.40 -8.62 26.54
C THR A 109 -7.65 -9.43 25.49
N GLY A 110 -8.11 -10.66 25.27
CA GLY A 110 -7.65 -11.37 24.09
C GLY A 110 -7.19 -12.78 24.37
N PHE A 111 -7.15 -13.60 23.32
CA PHE A 111 -6.89 -15.03 23.46
C PHE A 111 -5.68 -15.51 22.67
N LEU A 112 -4.83 -14.59 22.19
CA LEU A 112 -3.56 -14.97 21.59
C LEU A 112 -2.59 -15.29 22.72
N LEU A 113 -2.76 -16.49 23.28
CA LEU A 113 -2.10 -16.89 24.51
C LEU A 113 -1.29 -18.14 24.24
N PRO A 114 -0.02 -18.00 23.87
CA PRO A 114 0.73 -19.17 23.35
C PRO A 114 0.97 -20.26 24.36
N GLU A 115 0.97 -19.95 25.66
CA GLU A 115 1.23 -21.00 26.64
C GLU A 115 0.07 -21.95 26.84
N ARG A 116 -1.05 -21.70 26.16
CA ARG A 116 -2.11 -22.70 26.06
C ARG A 116 -1.76 -23.83 25.09
N PHE A 117 -0.74 -23.66 24.25
CA PHE A 117 -0.14 -24.73 23.49
C PHE A 117 0.89 -25.46 24.35
N PRO A 118 1.06 -26.77 24.18
CA PRO A 118 1.98 -27.51 25.04
C PRO A 118 3.44 -27.22 24.73
N ASP A 119 4.27 -27.31 25.76
CA ASP A 119 5.70 -27.17 25.61
C ASP A 119 6.25 -28.16 24.58
N GLY A 120 7.32 -27.75 23.88
CA GLY A 120 8.05 -28.67 23.04
C GLY A 120 7.69 -28.61 21.58
N LYS A 121 6.63 -27.89 21.22
CA LYS A 121 6.22 -27.76 19.84
C LYS A 121 6.99 -26.65 19.16
N ASP A 122 6.86 -26.58 17.84
CA ASP A 122 7.41 -25.47 17.07
C ASP A 122 6.33 -24.40 16.93
N LEU A 123 6.58 -23.23 17.49
CA LEU A 123 5.60 -22.14 17.47
C LEU A 123 5.81 -21.29 16.23
N VAL A 124 4.77 -21.11 15.43
CA VAL A 124 4.88 -20.36 14.17
C VAL A 124 3.84 -19.23 14.21
N MET A 125 4.32 -17.99 14.25
CA MET A 125 3.47 -16.80 14.31
C MET A 125 3.40 -16.18 12.92
N LEU A 126 2.20 -16.05 12.38
CA LEU A 126 1.97 -15.54 11.03
C LEU A 126 1.23 -14.21 11.15
N CYS A 127 1.79 -13.14 10.58
CA CYS A 127 1.10 -11.88 10.77
C CYS A 127 1.26 -10.98 9.55
N THR A 128 0.36 -9.98 9.46
CA THR A 128 0.46 -8.92 8.47
C THR A 128 0.41 -7.57 9.16
N GLY A 129 1.15 -6.61 8.59
CA GLY A 129 0.98 -5.23 9.00
C GLY A 129 1.19 -5.05 10.49
N SER A 130 0.24 -4.33 11.12
CA SER A 130 0.34 -4.11 12.56
C SER A 130 0.03 -5.36 13.38
N GLY A 131 -0.40 -6.45 12.74
CA GLY A 131 -0.62 -7.73 13.41
C GLY A 131 0.62 -8.33 14.03
N ILE A 132 1.81 -7.84 13.69
CA ILE A 132 3.02 -8.24 14.41
C ILE A 132 2.99 -7.81 15.88
N ALA A 133 2.20 -6.80 16.24
CA ALA A 133 2.26 -6.20 17.57
C ALA A 133 2.15 -7.20 18.72
N PRO A 134 1.12 -8.04 18.81
CA PRO A 134 1.07 -8.97 19.96
C PRO A 134 2.23 -9.93 19.99
N PHE A 135 2.76 -10.28 18.84
CA PHE A 135 3.86 -11.23 18.80
C PHE A 135 5.16 -10.60 19.29
N LEU A 136 5.30 -9.27 19.18
CA LEU A 136 6.46 -8.61 19.78
C LEU A 136 6.45 -8.77 21.30
N SER A 137 5.28 -8.60 21.93
CA SER A 137 5.19 -8.78 23.36
C SER A 137 5.47 -10.23 23.75
N ILE A 138 4.93 -11.17 22.98
CA ILE A 138 5.18 -12.59 23.24
C ILE A 138 6.67 -12.89 23.15
N LEU A 139 7.37 -12.34 22.14
CA LEU A 139 8.80 -12.57 22.02
C LEU A 139 9.61 -11.99 23.17
N GLU A 140 9.05 -11.03 23.90
CA GLU A 140 9.74 -10.48 25.05
CA GLU A 140 9.72 -10.47 25.07
C GLU A 140 9.57 -11.34 26.31
N GLN A 141 8.75 -12.40 26.24
CA GLN A 141 8.59 -13.32 27.36
C GLN A 141 9.76 -14.30 27.38
N PRO A 142 10.62 -14.29 28.39
CA PRO A 142 11.78 -15.20 28.37
C PRO A 142 11.41 -16.66 28.27
N GLU A 143 10.25 -17.05 28.80
CA GLU A 143 9.91 -18.47 28.82
C GLU A 143 9.43 -18.98 27.47
N ILE A 144 9.12 -18.11 26.52
CA ILE A 144 8.60 -18.58 25.23
C ILE A 144 9.68 -19.35 24.47
N ARG A 145 10.89 -18.80 24.36
CA ARG A 145 11.94 -19.57 23.70
C ARG A 145 12.41 -20.75 24.52
N GLN A 146 12.17 -20.76 25.84
CA GLN A 146 12.50 -21.93 26.64
C GLN A 146 11.49 -23.06 26.40
N ARG A 147 10.20 -22.73 26.36
CA ARG A 147 9.22 -23.79 26.36
CA ARG A 147 9.13 -23.72 26.34
C ARG A 147 8.99 -24.38 24.97
N PHE A 148 9.12 -23.60 23.91
CA PHE A 148 8.91 -24.10 22.56
C PHE A 148 10.26 -24.45 21.93
N ASP A 149 10.26 -25.51 21.10
CA ASP A 149 11.51 -25.98 20.53
C ASP A 149 12.09 -24.98 19.53
N THR A 150 11.24 -24.35 18.74
CA THR A 150 11.62 -23.21 17.91
C THR A 150 10.51 -22.18 17.99
N VAL A 151 10.88 -20.91 17.78
CA VAL A 151 9.94 -19.80 17.76
C VAL A 151 10.17 -19.08 16.44
N ASN A 152 9.10 -18.94 15.64
CA ASN A 152 9.22 -18.52 14.26
C ASN A 152 8.21 -17.42 14.00
N LEU A 153 8.65 -16.33 13.38
CA LEU A 153 7.78 -15.18 13.13
C LEU A 153 7.88 -14.83 11.66
N ILE A 154 6.73 -14.84 10.98
CA ILE A 154 6.63 -14.48 9.56
C ILE A 154 5.82 -13.19 9.50
N HIS A 155 6.45 -12.09 9.04
CA HIS A 155 5.77 -10.78 8.97
C HIS A 155 5.59 -10.39 7.52
N SER A 156 4.34 -10.36 7.07
CA SER A 156 3.96 -9.94 5.72
C SER A 156 3.55 -8.48 5.70
N VAL A 157 4.12 -7.71 4.76
CA VAL A 157 3.72 -6.34 4.48
C VAL A 157 3.75 -6.16 2.97
N SER A 158 3.30 -5.00 2.50
CA SER A 158 3.31 -4.78 1.05
C SER A 158 4.71 -4.41 0.54
N PHE A 159 5.39 -3.48 1.22
CA PHE A 159 6.66 -2.92 0.76
C PHE A 159 7.68 -2.97 1.90
N PRO A 160 8.97 -3.10 1.57
CA PRO A 160 9.99 -3.32 2.62
C PRO A 160 10.10 -2.18 3.61
N GLU A 161 9.72 -0.95 3.23
CA GLU A 161 9.73 0.16 4.18
C GLU A 161 8.85 -0.12 5.39
N GLU A 162 7.85 -0.98 5.24
CA GLU A 162 6.93 -1.31 6.33
C GLU A 162 7.49 -2.34 7.29
N LEU A 163 8.66 -2.91 7.00
CA LEU A 163 9.29 -3.90 7.88
C LEU A 163 10.09 -3.15 8.95
N ILE A 164 9.36 -2.45 9.83
CA ILE A 164 10.03 -1.52 10.73
C ILE A 164 10.71 -2.20 11.91
N PHE A 165 10.50 -3.50 12.10
CA PHE A 165 11.18 -4.26 13.13
C PHE A 165 12.23 -5.20 12.53
N ASN A 166 12.51 -5.06 11.24
CA ASN A 166 13.34 -6.03 10.53
C ASN A 166 14.75 -6.10 11.09
N ASP A 167 15.41 -4.96 11.28
CA ASP A 167 16.77 -4.97 11.80
C ASP A 167 16.82 -5.64 13.16
N ARG A 168 15.86 -5.33 14.03
CA ARG A 168 15.84 -5.92 15.37
C ARG A 168 15.62 -7.42 15.31
N LEU A 169 14.65 -7.86 14.52
CA LEU A 169 14.31 -9.29 14.51
C LEU A 169 15.31 -10.11 13.70
N ALA A 170 15.88 -9.54 12.64
CA ALA A 170 16.93 -10.25 11.93
C ALA A 170 18.14 -10.48 12.83
N ALA A 171 18.46 -9.48 13.67
CA ALA A 171 19.60 -9.66 14.59
C ALA A 171 19.32 -10.71 15.65
N LEU A 172 18.08 -10.73 16.18
CA LEU A 172 17.69 -11.79 17.11
C LEU A 172 17.75 -13.17 16.45
N SER A 173 17.56 -13.22 15.13
CA SER A 173 17.56 -14.46 14.37
C SER A 173 18.95 -15.05 14.23
N GLU A 174 20.00 -14.24 14.35
CA GLU A 174 21.38 -14.69 14.11
C GLU A 174 22.28 -14.47 15.32
N HIS A 183 17.27 -23.51 21.32
CA HIS A 183 15.94 -23.19 20.80
C HIS A 183 15.98 -21.94 19.91
N SER A 184 15.99 -22.17 18.61
CA SER A 184 16.27 -21.11 17.67
C SER A 184 15.04 -20.19 17.51
N PHE A 185 15.33 -18.93 17.26
CA PHE A 185 14.32 -17.97 16.79
C PHE A 185 14.59 -17.71 15.32
N ARG A 186 13.53 -17.74 14.51
CA ARG A 186 13.62 -17.48 13.08
C ARG A 186 12.69 -16.34 12.73
N PHE A 187 13.17 -15.39 11.93
CA PHE A 187 12.35 -14.31 11.40
C PHE A 187 12.36 -14.36 9.89
N VAL A 188 11.17 -14.34 9.29
CA VAL A 188 11.03 -14.37 7.83
C VAL A 188 10.21 -13.16 7.40
N PRO A 189 10.82 -12.14 6.80
CA PRO A 189 10.02 -11.04 6.25
C PRO A 189 9.44 -11.42 4.90
N VAL A 190 8.22 -10.96 4.65
CA VAL A 190 7.52 -11.20 3.39
C VAL A 190 7.06 -9.85 2.85
N THR A 191 7.40 -9.53 1.60
CA THR A 191 6.86 -8.32 1.00
C THR A 191 6.01 -8.72 -0.20
N THR A 192 4.70 -8.47 -0.12
CA THR A 192 3.79 -9.01 -1.12
C THR A 192 3.77 -8.23 -2.42
N ARG A 193 4.17 -6.95 -2.41
CA ARG A 193 4.05 -6.11 -3.60
C ARG A 193 5.39 -5.57 -4.07
N ALA A 194 6.50 -6.08 -3.53
CA ALA A 194 7.82 -5.58 -3.87
C ALA A 194 8.81 -6.72 -3.71
N ALA A 195 10.01 -6.51 -4.22
N ALA A 195 9.78 -6.69 -4.62
CA ALA A 195 11.11 -7.40 -3.85
CA ALA A 195 10.65 -7.81 -4.88
C ALA A 195 11.75 -6.98 -2.52
C ALA A 195 11.84 -7.77 -3.94
N ASN A 196 12.17 -7.98 -1.72
N ASN A 196 12.28 -8.95 -3.52
CA ASN A 196 13.01 -7.73 -0.54
CA ASN A 196 13.43 -9.09 -2.62
C ASN A 196 14.06 -8.84 -0.48
C ASN A 196 14.31 -10.19 -3.19
N PRO A 197 15.31 -8.51 -0.10
N PRO A 197 15.49 -9.85 -3.70
CA PRO A 197 16.41 -9.48 -0.25
CA PRO A 197 16.42 -10.90 -4.18
C PRO A 197 16.44 -10.57 0.82
C PRO A 197 16.98 -11.77 -3.07
N SER A 198 15.96 -10.24 2.01
N SER A 198 16.78 -11.41 -1.80
CA SER A 198 16.12 -11.10 3.17
CA SER A 198 17.34 -12.15 -0.68
C SER A 198 15.05 -12.19 3.28
C SER A 198 16.29 -12.91 0.12
N GLY A 199 13.93 -12.04 2.60
N GLY A 199 15.03 -12.85 -0.27
CA GLY A 199 12.85 -13.00 2.79
CA GLY A 199 14.01 -13.47 0.56
C GLY A 199 12.18 -13.46 1.51
C GLY A 199 12.67 -13.52 -0.12
N LEU A 200 10.85 -13.55 1.53
N LEU A 200 11.65 -13.88 0.68
CA LEU A 200 10.06 -14.02 0.41
CA LEU A 200 10.31 -14.12 0.16
C LEU A 200 9.25 -12.87 -0.17
C LEU A 200 9.65 -12.81 -0.27
N SER A 201 9.15 -12.80 -1.49
CA SER A 201 8.54 -11.62 -2.09
CA SER A 201 8.52 -11.62 -2.07
C SER A 201 7.52 -12.02 -3.14
N GLY A 202 6.49 -11.17 -3.29
CA GLY A 202 5.51 -11.28 -4.34
C GLY A 202 4.34 -12.19 -4.09
N LYS A 203 4.30 -12.86 -2.94
CA LYS A 203 3.23 -13.80 -2.63
C LYS A 203 2.76 -13.58 -1.21
N ARG A 204 1.48 -13.90 -0.98
N ARG A 204 1.49 -13.86 -0.96
CA ARG A 204 0.89 -13.79 0.35
CA ARG A 204 -0.74 -14.02 -0.21
CA ARG A 204 0.94 -13.72 0.38
C ARG A 204 1.19 -15.06 1.16
C ARG A 204 1.07 -15.04 1.14
N ILE A 205 0.95 -14.94 2.47
CA ILE A 205 1.21 -16.07 3.36
C ILE A 205 0.42 -17.33 3.03
N PRO A 206 -0.87 -17.28 2.67
CA PRO A 206 -1.56 -18.55 2.35
C PRO A 206 -0.90 -19.28 1.19
N GLU A 207 -0.46 -18.55 0.15
CA GLU A 207 0.24 -19.20 -0.95
C GLU A 207 1.58 -19.77 -0.50
N LEU A 208 2.31 -19.04 0.35
CA LEU A 208 3.60 -19.52 0.86
C LEU A 208 3.47 -20.72 1.78
N LEU A 209 2.30 -20.91 2.41
CA LEU A 209 2.05 -22.16 3.11
C LEU A 209 1.78 -23.29 2.14
N LYS A 210 0.94 -23.04 1.13
CA LYS A 210 0.58 -24.06 0.16
C LYS A 210 1.81 -24.62 -0.56
N ASN A 211 2.73 -23.74 -0.96
CA ASN A 211 3.86 -24.16 -1.79
C ASN A 211 5.09 -24.53 -0.97
N ASN A 212 4.95 -24.61 0.36
CA ASN A 212 6.00 -25.04 1.27
C ASN A 212 7.16 -24.06 1.38
N SER A 213 6.99 -22.82 0.93
CA SER A 213 8.08 -21.85 1.02
C SER A 213 8.36 -21.44 2.46
N ILE A 214 7.33 -21.36 3.31
CA ILE A 214 7.58 -20.99 4.70
C ILE A 214 8.32 -22.13 5.42
N GLU A 215 7.87 -23.37 5.22
CA GLU A 215 8.58 -24.51 5.78
C GLU A 215 10.04 -24.52 5.34
N GLN A 216 10.30 -24.24 4.06
CA GLN A 216 11.67 -24.24 3.58
C GLN A 216 12.48 -23.08 4.18
N ALA A 217 11.86 -21.91 4.31
CA ALA A 217 12.57 -20.76 4.88
C ALA A 217 12.93 -20.98 6.34
N LEU A 218 12.11 -21.75 7.06
CA LEU A 218 12.35 -22.05 8.47
C LEU A 218 13.27 -23.24 8.68
N HIS A 219 13.53 -24.04 7.64
CA HIS A 219 14.34 -25.25 7.77
C HIS A 219 13.79 -26.17 8.85
N THR A 220 12.47 -26.21 8.98
CA THR A 220 11.76 -27.00 9.97
C THR A 220 10.52 -27.57 9.31
N LYS A 221 10.40 -28.89 9.28
CA LYS A 221 9.18 -29.51 8.75
C LYS A 221 8.01 -29.14 9.64
N LEU A 222 6.91 -28.71 9.02
CA LEU A 222 5.68 -28.37 9.72
C LEU A 222 4.68 -29.50 9.57
N THR A 223 4.12 -29.95 10.69
CA THR A 223 3.14 -31.03 10.71
C THR A 223 2.10 -30.72 11.78
N PRO A 224 0.89 -31.26 11.65
CA PRO A 224 -0.10 -31.08 12.72
C PRO A 224 0.39 -31.59 14.08
N GLU A 225 1.21 -32.64 14.09
CA GLU A 225 1.67 -33.16 15.36
C GLU A 225 2.62 -32.17 16.05
N SER A 226 3.50 -31.50 15.29
CA SER A 226 4.61 -30.77 15.89
C SER A 226 4.49 -29.25 15.84
N THR A 227 3.62 -28.71 14.99
CA THR A 227 3.57 -27.27 14.76
C THR A 227 2.34 -26.66 15.42
N ARG A 228 2.52 -25.46 15.99
CA ARG A 228 1.39 -24.71 16.55
C ARG A 228 1.43 -23.30 15.99
N PHE A 229 0.32 -22.86 15.39
CA PHE A 229 0.25 -21.61 14.66
C PHE A 229 -0.53 -20.55 15.43
N MET A 230 -0.08 -19.30 15.34
CA MET A 230 -0.85 -18.15 15.77
C MET A 230 -0.93 -17.18 14.59
N ILE A 231 -2.11 -16.60 14.38
CA ILE A 231 -2.35 -15.78 13.20
C ILE A 231 -2.93 -14.44 13.65
N CYS A 232 -2.33 -13.34 13.19
CA CYS A 232 -2.89 -12.01 13.49
C CYS A 232 -2.61 -11.11 12.30
N GLY A 233 -3.66 -10.60 11.66
CA GLY A 233 -3.46 -9.83 10.46
C GLY A 233 -4.77 -9.28 9.93
N ASN A 234 -4.75 -8.81 8.69
CA ASN A 234 -5.99 -8.28 8.14
C ASN A 234 -7.02 -9.41 8.03
N PRO A 235 -8.30 -9.09 8.18
CA PRO A 235 -9.33 -10.14 8.22
C PRO A 235 -9.26 -11.10 7.04
N GLU A 236 -9.01 -10.61 5.82
CA GLU A 236 -8.94 -11.52 4.68
C GLU A 236 -7.76 -12.48 4.81
N MET A 237 -6.60 -11.97 5.23
CA MET A 237 -5.45 -12.85 5.43
C MET A 237 -5.73 -13.88 6.51
N VAL A 238 -6.32 -13.47 7.62
CA VAL A 238 -6.58 -14.40 8.71
C VAL A 238 -7.49 -15.52 8.24
N LYS A 239 -8.58 -15.16 7.54
CA LYS A 239 -9.51 -16.16 7.00
C LYS A 239 -8.82 -17.07 6.00
N ASP A 240 -8.10 -16.49 5.03
CA ASP A 240 -7.46 -17.30 3.99
C ASP A 240 -6.38 -18.21 4.59
N THR A 241 -5.63 -17.71 5.56
CA THR A 241 -4.60 -18.54 6.21
C THR A 241 -5.25 -19.68 6.99
N PHE A 242 -6.31 -19.38 7.75
CA PHE A 242 -7.02 -20.41 8.50
C PHE A 242 -7.55 -21.50 7.58
N GLN A 243 -8.22 -21.10 6.49
CA GLN A 243 -8.79 -22.08 5.58
C GLN A 243 -7.70 -22.92 4.93
N THR A 244 -6.55 -22.30 4.62
CA THR A 244 -5.43 -23.03 4.04
C THR A 244 -4.89 -24.06 5.02
N LEU A 245 -4.72 -23.67 6.29
CA LEU A 245 -4.23 -24.61 7.30
C LEU A 245 -5.23 -25.75 7.54
N LEU A 246 -6.53 -25.44 7.53
CA LEU A 246 -7.51 -26.53 7.61
C LEU A 246 -7.32 -27.53 6.48
N ASP A 247 -7.06 -27.03 5.27
CA ASP A 247 -6.84 -27.92 4.12
C ASP A 247 -5.60 -28.78 4.31
N MET A 248 -4.62 -28.28 5.06
CA MET A 248 -3.37 -28.97 5.34
C MET A 248 -3.44 -29.88 6.56
N GLY A 249 -4.60 -29.99 7.20
CA GLY A 249 -4.79 -30.94 8.29
C GLY A 249 -4.74 -30.36 9.68
N TYR A 250 -4.70 -29.04 9.82
CA TYR A 250 -4.67 -28.38 11.12
C TYR A 250 -6.09 -28.05 11.57
N ALA A 251 -6.22 -27.74 12.86
CA ALA A 251 -7.53 -27.49 13.46
C ALA A 251 -7.42 -26.36 14.47
N MET A 252 -8.56 -25.74 14.75
CA MET A 252 -8.58 -24.64 15.71
CA MET A 252 -8.65 -24.65 15.73
C MET A 252 -8.37 -25.15 17.14
N HIS A 253 -7.61 -24.39 17.91
CA HIS A 253 -7.58 -24.59 19.35
C HIS A 253 -8.91 -24.13 19.93
N ARG A 254 -9.53 -24.97 20.77
CA ARG A 254 -10.79 -24.65 21.45
C ARG A 254 -10.65 -25.04 22.92
N ASN A 255 -11.71 -24.77 23.69
CA ASN A 255 -11.68 -25.04 25.13
C ASN A 255 -11.19 -26.45 25.44
N ARG A 256 -11.76 -27.45 24.75
CA ARG A 256 -11.43 -28.85 24.99
C ARG A 256 -10.69 -29.52 23.84
N ILE A 257 -10.38 -28.78 22.78
CA ILE A 257 -9.68 -29.30 21.61
C ILE A 257 -8.28 -28.70 21.61
N PRO A 258 -7.21 -29.49 21.77
CA PRO A 258 -5.86 -28.89 21.70
C PRO A 258 -5.63 -28.12 20.42
N GLY A 259 -5.84 -28.76 19.28
CA GLY A 259 -5.76 -28.04 18.02
C GLY A 259 -4.36 -27.53 17.76
N GLN A 260 -4.27 -26.75 16.69
CA GLN A 260 -2.98 -26.20 16.30
C GLN A 260 -3.05 -24.75 15.87
N ILE A 261 -4.20 -24.07 16.00
CA ILE A 261 -4.34 -22.71 15.47
C ILE A 261 -5.02 -21.81 16.49
N MET A 262 -4.41 -20.65 16.74
CA MET A 262 -5.07 -19.52 17.40
C MET A 262 -5.05 -18.34 16.44
N MET A 263 -6.12 -17.55 16.43
CA MET A 263 -6.18 -16.45 15.47
C MET A 263 -6.96 -15.27 16.04
N GLU A 264 -6.60 -14.08 15.58
CA GLU A 264 -7.27 -12.85 15.97
C GLU A 264 -7.15 -11.85 14.82
N ASN A 265 -8.27 -11.25 14.41
CA ASN A 265 -8.19 -10.21 13.37
C ASN A 265 -7.42 -9.02 13.93
N GLY A 266 -6.51 -8.48 13.12
CA GLY A 266 -5.70 -7.34 13.55
C GLY A 266 -6.40 -6.00 13.51
N PHE A 267 -7.59 -5.97 12.91
CA PHE A 267 -8.44 -4.79 12.93
C PHE A 267 -9.82 -5.19 12.42
N GLU B 14 -18.57 -4.46 -38.77
CA GLU B 14 -18.79 -5.81 -38.24
C GLU B 14 -18.81 -5.82 -36.72
N ALA B 15 -17.86 -6.52 -36.11
CA ALA B 15 -17.79 -6.60 -34.66
C ALA B 15 -17.30 -5.28 -34.07
N LYS B 16 -17.56 -5.10 -32.77
CA LYS B 16 -17.14 -3.91 -32.07
C LYS B 16 -15.71 -4.00 -31.56
N PHE B 17 -15.02 -5.10 -31.82
CA PHE B 17 -13.66 -5.32 -31.32
C PHE B 17 -12.89 -6.14 -32.33
N THR B 18 -11.57 -6.18 -32.15
CA THR B 18 -10.71 -7.07 -32.90
C THR B 18 -9.96 -7.99 -31.95
N GLU B 19 -9.54 -9.14 -32.48
CA GLU B 19 -8.69 -10.07 -31.74
C GLU B 19 -7.23 -9.68 -31.96
N GLU B 20 -6.55 -9.29 -30.89
CA GLU B 20 -5.14 -8.93 -30.95
C GLU B 20 -4.34 -9.96 -30.15
N LYS B 21 -3.02 -9.75 -30.09
CA LYS B 21 -2.14 -10.65 -29.36
C LYS B 21 -1.31 -9.88 -28.36
N ILE B 22 -1.09 -10.50 -27.19
CA ILE B 22 -0.10 -9.99 -26.25
C ILE B 22 1.29 -10.13 -26.86
N LEU B 23 2.06 -9.03 -26.90
CA LEU B 23 3.41 -9.11 -27.41
C LEU B 23 4.45 -9.35 -26.33
N TRP B 24 4.27 -8.72 -25.17
CA TRP B 24 5.18 -8.92 -24.05
C TRP B 24 4.54 -8.34 -22.80
N VAL B 25 4.95 -8.90 -21.66
CA VAL B 25 4.57 -8.42 -20.33
C VAL B 25 5.85 -8.18 -19.54
N LYS B 26 5.93 -7.03 -18.88
CA LYS B 26 7.09 -6.66 -18.08
CA LYS B 26 7.10 -6.67 -18.08
C LYS B 26 6.64 -6.37 -16.66
N HIS B 27 7.21 -7.09 -15.70
CA HIS B 27 6.97 -6.81 -14.29
C HIS B 27 7.98 -5.79 -13.82
N HIS B 28 7.49 -4.61 -13.43
CA HIS B 28 8.38 -3.63 -12.82
C HIS B 28 8.52 -3.89 -11.33
N THR B 29 7.44 -4.38 -10.72
CA THR B 29 7.39 -4.94 -9.38
C THR B 29 6.54 -6.20 -9.51
N PRO B 30 6.39 -7.01 -8.46
CA PRO B 30 5.49 -8.17 -8.58
C PRO B 30 4.06 -7.81 -8.94
N LYS B 31 3.60 -6.59 -8.67
CA LYS B 31 2.21 -6.24 -8.91
CA LYS B 31 2.21 -6.23 -8.88
C LYS B 31 2.00 -5.09 -9.87
N LEU B 32 3.06 -4.55 -10.48
CA LEU B 32 2.94 -3.46 -11.44
C LEU B 32 3.51 -3.93 -12.77
N ILE B 33 2.67 -3.99 -13.80
CA ILE B 33 3.13 -4.47 -15.09
C ILE B 33 2.90 -3.41 -16.15
N THR B 34 3.78 -3.39 -17.15
CA THR B 34 3.42 -2.84 -18.44
C THR B 34 3.34 -4.00 -19.42
N PHE B 35 2.53 -3.82 -20.46
CA PHE B 35 2.43 -4.84 -21.49
C PHE B 35 2.06 -4.17 -22.80
N ALA B 36 2.43 -4.81 -23.89
CA ALA B 36 2.11 -4.33 -25.22
C ALA B 36 1.28 -5.37 -25.97
N ILE B 37 0.38 -4.87 -26.81
CA ILE B 37 -0.45 -5.71 -27.66
C ILE B 37 -0.31 -5.23 -29.11
N SER B 38 -0.63 -6.14 -30.04
CA SER B 38 -0.61 -5.76 -31.45
C SER B 38 -1.67 -4.69 -31.72
N ARG B 39 -1.36 -3.82 -32.68
CA ARG B 39 -2.20 -2.66 -32.95
C ARG B 39 -2.65 -2.71 -34.39
N PRO B 40 -3.94 -2.88 -34.68
CA PRO B 40 -4.37 -2.87 -36.09
C PRO B 40 -4.21 -1.48 -36.67
N GLU B 41 -4.02 -1.42 -37.99
CA GLU B 41 -3.84 -0.13 -38.65
C GLU B 41 -5.07 0.76 -38.49
N SER B 42 -6.24 0.16 -38.28
CA SER B 42 -7.49 0.91 -38.11
C SER B 42 -7.61 1.63 -36.77
N TYR B 43 -6.78 1.30 -35.78
CA TYR B 43 -6.99 1.79 -34.43
C TYR B 43 -6.37 3.16 -34.25
N ARG B 44 -7.21 4.17 -34.04
CA ARG B 44 -6.77 5.54 -33.86
C ARG B 44 -7.17 6.01 -32.47
N PHE B 45 -6.31 6.81 -31.84
CA PHE B 45 -6.68 7.42 -30.57
C PHE B 45 -5.96 8.76 -30.44
N LYS B 46 -6.47 9.59 -29.55
CA LYS B 46 -5.82 10.84 -29.16
C LYS B 46 -5.12 10.61 -27.83
N ALA B 47 -3.89 11.10 -27.73
CA ALA B 47 -3.12 10.92 -26.49
C ALA B 47 -3.90 11.45 -25.30
N GLY B 48 -4.01 10.61 -24.26
CA GLY B 48 -4.83 10.86 -23.10
C GLY B 48 -6.06 9.97 -23.02
N GLN B 49 -6.45 9.35 -24.14
CA GLN B 49 -7.64 8.54 -24.16
C GLN B 49 -7.35 7.12 -23.68
N PHE B 50 -8.42 6.36 -23.47
CA PHE B 50 -8.29 5.00 -23.00
C PHE B 50 -8.94 4.00 -23.94
N SER B 51 -8.39 2.79 -23.93
CA SER B 51 -8.92 1.64 -24.65
C SER B 51 -9.80 0.81 -23.72
N ARG B 52 -10.58 -0.07 -24.33
CA ARG B 52 -11.25 -1.13 -23.59
CA ARG B 52 -11.26 -1.14 -23.60
C ARG B 52 -10.68 -2.46 -24.07
N LEU B 53 -10.13 -3.23 -23.14
CA LEU B 53 -9.49 -4.51 -23.40
C LEU B 53 -10.35 -5.61 -22.80
N GLY B 54 -10.34 -6.78 -23.43
CA GLY B 54 -11.21 -7.84 -22.97
C GLY B 54 -10.69 -9.23 -23.30
N PHE B 55 -11.38 -10.22 -22.73
CA PHE B 55 -11.15 -11.62 -23.04
C PHE B 55 -12.49 -12.31 -23.21
N TYR B 56 -12.47 -13.38 -24.00
CA TYR B 56 -13.61 -14.29 -23.99
C TYR B 56 -13.69 -14.99 -22.65
N GLU B 57 -14.92 -15.15 -22.14
CA GLU B 57 -15.18 -15.85 -20.88
C GLU B 57 -16.29 -16.86 -21.17
N GLY B 58 -15.90 -18.10 -21.50
CA GLY B 58 -16.88 -19.09 -21.92
C GLY B 58 -17.69 -18.57 -23.10
N LYS B 59 -18.98 -18.35 -22.88
CA LYS B 59 -19.86 -17.81 -23.90
C LYS B 59 -20.08 -16.31 -23.77
N GLY B 60 -19.39 -15.66 -22.83
CA GLY B 60 -19.50 -14.22 -22.65
C GLY B 60 -18.15 -13.49 -22.70
N PHE B 61 -18.04 -12.35 -22.01
CA PHE B 61 -16.85 -11.50 -22.07
C PHE B 61 -16.51 -10.95 -20.69
N ILE B 62 -15.26 -10.48 -20.54
CA ILE B 62 -14.87 -9.57 -19.48
C ILE B 62 -14.13 -8.41 -20.14
N TRP B 63 -14.47 -7.17 -19.75
CA TRP B 63 -13.93 -5.94 -20.33
C TRP B 63 -13.53 -4.96 -19.23
N ARG B 64 -12.40 -4.27 -19.45
CA ARG B 64 -11.95 -3.21 -18.55
C ARG B 64 -11.28 -2.11 -19.38
N ALA B 65 -11.29 -0.89 -18.84
CA ALA B 65 -10.64 0.26 -19.48
C ALA B 65 -9.21 0.44 -19.00
N TYR B 66 -8.32 0.82 -19.93
CA TYR B 66 -6.92 1.13 -19.63
C TYR B 66 -6.49 2.32 -20.50
N SER B 67 -5.85 3.32 -19.90
CA SER B 67 -5.31 4.42 -20.68
C SER B 67 -4.13 3.95 -21.53
N VAL B 68 -4.04 4.43 -22.77
CA VAL B 68 -2.90 4.07 -23.59
C VAL B 68 -1.67 4.80 -23.07
N VAL B 69 -0.59 4.05 -22.82
CA VAL B 69 0.67 4.60 -22.35
C VAL B 69 1.59 4.99 -23.51
N SER B 70 1.51 4.25 -24.60
CA SER B 70 2.39 4.43 -25.74
C SER B 70 1.99 5.64 -26.59
N ALA B 71 2.90 6.02 -27.49
CA ALA B 71 2.69 7.17 -28.35
C ALA B 71 1.62 6.89 -29.40
N GLU B 72 0.94 7.96 -29.81
CA GLU B 72 -0.02 7.85 -30.90
C GLU B 72 0.60 7.23 -32.14
N TYR B 73 1.86 7.54 -32.40
CA TYR B 73 2.54 7.10 -33.62
C TYR B 73 3.20 5.75 -33.48
N ALA B 74 3.18 5.13 -32.29
CA ALA B 74 3.88 3.87 -32.12
C ALA B 74 3.14 2.75 -32.83
N ASP B 75 3.86 1.63 -33.06
CA ASP B 75 3.31 0.56 -33.89
C ASP B 75 2.78 -0.59 -33.06
N THR B 76 2.63 -0.39 -31.76
CA THR B 76 1.98 -1.31 -30.83
C THR B 76 1.20 -0.44 -29.85
N LEU B 77 0.38 -1.07 -29.01
CA LEU B 77 -0.31 -0.39 -27.93
C LEU B 77 0.22 -0.89 -26.60
N GLU B 78 0.62 0.02 -25.73
CA GLU B 78 1.15 -0.32 -24.41
C GLU B 78 0.23 0.20 -23.31
N TYR B 79 0.17 -0.55 -22.21
CA TYR B 79 -0.69 -0.25 -21.07
C TYR B 79 0.09 -0.48 -19.78
N PHE B 80 -0.38 0.17 -18.70
CA PHE B 80 0.20 0.07 -17.36
C PHE B 80 -0.92 -0.39 -16.45
N ALA B 81 -0.80 -1.59 -15.89
CA ALA B 81 -1.84 -2.15 -15.02
C ALA B 81 -1.31 -2.45 -13.64
N VAL B 82 -2.11 -2.12 -12.63
CA VAL B 82 -1.89 -2.51 -11.23
CA VAL B 82 -1.85 -2.53 -11.26
C VAL B 82 -2.66 -3.79 -10.96
N LEU B 83 -1.97 -4.82 -10.48
CA LEU B 83 -2.66 -6.08 -10.19
C LEU B 83 -3.33 -6.00 -8.83
N ILE B 84 -4.65 -6.10 -8.82
CA ILE B 84 -5.47 -5.93 -7.62
C ILE B 84 -5.80 -7.29 -7.03
N GLN B 85 -5.60 -7.44 -5.72
CA GLN B 85 -5.96 -8.67 -5.01
C GLN B 85 -7.44 -8.99 -5.22
N ASP B 86 -7.72 -10.21 -5.64
CA ASP B 86 -9.06 -10.76 -5.89
C ASP B 86 -9.76 -10.12 -7.09
N GLY B 87 -9.10 -9.25 -7.84
CA GLY B 87 -9.71 -8.65 -9.01
C GLY B 87 -9.80 -9.65 -10.16
N PRO B 88 -10.97 -9.72 -10.81
CA PRO B 88 -11.13 -10.70 -11.90
C PRO B 88 -10.18 -10.45 -13.07
N MET B 89 -10.10 -9.22 -13.58
CA MET B 89 -9.18 -8.97 -14.70
C MET B 89 -7.73 -9.12 -14.25
N SER B 90 -7.42 -8.70 -13.03
CA SER B 90 -6.04 -8.82 -12.54
C SER B 90 -5.58 -10.27 -12.52
N ALA B 91 -6.49 -11.20 -12.19
CA ALA B 91 -6.13 -12.62 -12.20
C ALA B 91 -5.76 -13.08 -13.60
N LEU B 92 -6.44 -12.56 -14.62
CA LEU B 92 -6.11 -12.92 -15.99
C LEU B 92 -4.81 -12.26 -16.43
N PHE B 93 -4.63 -10.97 -16.10
CA PHE B 93 -3.40 -10.27 -16.43
C PHE B 93 -2.20 -10.92 -15.77
N ALA B 94 -2.38 -11.47 -14.56
CA ALA B 94 -1.27 -12.05 -13.82
C ALA B 94 -0.69 -13.26 -14.49
N LYS B 95 -1.45 -13.95 -15.36
CA LYS B 95 -0.95 -15.15 -15.99
C LYS B 95 -0.82 -15.05 -17.51
N MET B 96 -1.26 -13.96 -18.11
CA MET B 96 -1.20 -13.85 -19.57
C MET B 96 0.24 -13.74 -20.04
N GLN B 97 0.48 -14.16 -21.29
CA GLN B 97 1.84 -14.09 -21.80
C GLN B 97 1.83 -13.91 -23.31
N GLN B 98 3.03 -13.63 -23.84
CA GLN B 98 3.23 -13.44 -25.26
C GLN B 98 2.53 -14.51 -26.08
N GLY B 99 1.76 -14.07 -27.07
CA GLY B 99 1.03 -14.96 -27.94
C GLY B 99 -0.43 -15.15 -27.57
N ASP B 100 -0.79 -14.88 -26.32
CA ASP B 100 -2.19 -15.01 -25.91
C ASP B 100 -3.05 -13.97 -26.62
N THR B 101 -4.29 -14.37 -26.89
CA THR B 101 -5.27 -13.47 -27.50
C THR B 101 -5.77 -12.47 -26.46
N ILE B 102 -5.97 -11.23 -26.89
CA ILE B 102 -6.64 -10.22 -26.10
C ILE B 102 -7.54 -9.43 -27.05
N LEU B 103 -8.69 -9.00 -26.56
CA LEU B 103 -9.67 -8.29 -27.38
C LEU B 103 -9.49 -6.79 -27.21
N LEU B 104 -9.56 -6.07 -28.33
CA LEU B 104 -9.39 -4.61 -28.35
C LEU B 104 -10.66 -3.98 -28.92
N ASP B 105 -11.39 -3.25 -28.07
CA ASP B 105 -12.53 -2.49 -28.57
C ASP B 105 -12.07 -1.52 -29.66
N LYS B 106 -12.85 -1.43 -30.73
CA LYS B 106 -12.43 -0.60 -31.88
C LYS B 106 -12.43 0.89 -31.58
N ASN B 107 -13.03 1.32 -30.47
CA ASN B 107 -13.18 2.73 -30.17
C ASN B 107 -12.36 3.13 -28.95
N ALA B 108 -11.56 4.18 -29.11
CA ALA B 108 -10.90 4.82 -27.98
C ALA B 108 -11.78 5.95 -27.48
N THR B 109 -11.72 6.18 -26.17
CA THR B 109 -12.68 7.02 -25.46
C THR B 109 -11.94 7.99 -24.56
N GLY B 110 -12.55 9.16 -24.32
CA GLY B 110 -12.05 10.00 -23.25
C GLY B 110 -11.86 11.44 -23.61
N PHE B 111 -11.84 12.30 -22.58
CA PHE B 111 -11.78 13.74 -22.76
C PHE B 111 -10.58 14.37 -22.07
N LEU B 112 -9.61 13.57 -21.63
CA LEU B 112 -8.36 14.09 -21.06
CA LEU B 112 -8.36 14.10 -21.05
C LEU B 112 -7.47 14.58 -22.19
N LEU B 113 -7.88 15.70 -22.79
CA LEU B 113 -7.32 16.19 -24.04
C LEU B 113 -6.69 17.56 -23.85
N PRO B 114 -5.37 17.64 -23.68
CA PRO B 114 -4.76 18.91 -23.29
C PRO B 114 -4.84 19.99 -24.35
N GLU B 115 -4.96 19.63 -25.62
CA GLU B 115 -5.02 20.66 -26.64
C GLU B 115 -6.36 21.38 -26.68
N ARG B 116 -7.29 21.02 -25.79
CA ARG B 116 -8.47 21.86 -25.59
C ARG B 116 -8.17 23.08 -24.75
N PHE B 117 -6.99 23.12 -24.11
CA PHE B 117 -6.46 24.34 -23.52
C PHE B 117 -5.73 25.15 -24.58
N PRO B 118 -5.80 26.47 -24.50
CA PRO B 118 -5.08 27.30 -25.47
C PRO B 118 -3.57 27.17 -25.35
N ASP B 119 -2.88 27.46 -26.46
CA ASP B 119 -1.42 27.51 -26.46
C ASP B 119 -0.93 28.55 -25.46
N GLY B 120 0.25 28.30 -24.90
CA GLY B 120 0.98 29.33 -24.17
C GLY B 120 0.87 29.32 -22.65
N LYS B 121 0.20 28.34 -22.07
CA LYS B 121 0.05 28.23 -20.63
C LYS B 121 1.07 27.22 -20.07
N ASP B 122 1.19 27.18 -18.74
CA ASP B 122 1.99 26.17 -18.05
CA ASP B 122 2.00 26.17 -18.08
C ASP B 122 1.09 24.99 -17.71
N LEU B 123 1.44 23.81 -18.23
CA LEU B 123 0.64 22.62 -18.03
C LEU B 123 1.13 21.84 -16.82
N VAL B 124 0.22 21.53 -15.90
CA VAL B 124 0.56 20.78 -14.69
C VAL B 124 -0.33 19.55 -14.62
N MET B 125 0.28 18.37 -14.77
CA MET B 125 -0.43 17.11 -14.73
C MET B 125 -0.24 16.48 -13.34
N LEU B 126 -1.36 16.23 -12.66
CA LEU B 126 -1.37 15.69 -11.31
C LEU B 126 -1.97 14.29 -11.34
N CYS B 127 -1.22 13.29 -10.85
CA CYS B 127 -1.74 11.94 -10.98
C CYS B 127 -1.32 11.08 -9.79
N THR B 128 -2.07 10.00 -9.57
CA THR B 128 -1.72 8.97 -8.59
C THR B 128 -1.69 7.61 -9.26
N GLY B 129 -0.78 6.76 -8.77
CA GLY B 129 -0.80 5.36 -9.20
C GLY B 129 -0.76 5.19 -10.69
N SER B 130 -1.66 4.35 -11.22
CA SER B 130 -1.72 4.11 -12.66
C SER B 130 -2.28 5.31 -13.43
N GLY B 131 -2.75 6.34 -12.73
CA GLY B 131 -3.22 7.55 -13.39
C GLY B 131 -2.16 8.32 -14.15
N ILE B 132 -0.89 7.96 -13.98
CA ILE B 132 0.15 8.53 -14.82
C ILE B 132 0.01 8.07 -16.27
N ALA B 133 -0.69 6.95 -16.52
CA ALA B 133 -0.68 6.34 -17.86
C ALA B 133 -1.09 7.29 -18.98
N PRO B 134 -2.23 7.99 -18.93
CA PRO B 134 -2.55 8.88 -20.07
C PRO B 134 -1.55 9.99 -20.26
N PHE B 135 -0.93 10.43 -19.17
CA PHE B 135 0.04 11.52 -19.28
C PHE B 135 1.34 11.05 -19.94
N LEU B 136 1.66 9.76 -19.83
CA LEU B 136 2.82 9.25 -20.56
C LEU B 136 2.62 9.35 -22.06
N SER B 137 1.40 9.08 -22.54
CA SER B 137 1.12 9.22 -23.97
C SER B 137 1.13 10.67 -24.40
N ILE B 138 0.55 11.53 -23.57
CA ILE B 138 0.53 12.97 -23.85
C ILE B 138 1.95 13.51 -23.97
N LEU B 139 2.86 13.05 -23.09
CA LEU B 139 4.24 13.52 -23.14
C LEU B 139 4.96 13.14 -24.43
N GLU B 140 4.47 12.14 -25.17
CA GLU B 140 5.09 11.74 -26.42
C GLU B 140 4.64 12.58 -27.61
N GLN B 141 3.64 13.45 -27.43
CA GLN B 141 3.17 14.35 -28.48
C GLN B 141 4.14 15.51 -28.62
N PRO B 142 4.85 15.63 -29.75
CA PRO B 142 5.84 16.73 -29.86
C PRO B 142 5.23 18.09 -29.66
N GLU B 143 3.96 18.31 -30.03
CA GLU B 143 3.38 19.64 -29.95
C GLU B 143 3.05 20.06 -28.52
N ILE B 144 3.05 19.12 -27.55
CA ILE B 144 2.74 19.51 -26.18
C ILE B 144 3.84 20.39 -25.60
N ARG B 145 5.10 19.97 -25.73
CA ARG B 145 6.16 20.82 -25.22
C ARG B 145 6.36 22.07 -26.07
N GLN B 146 5.90 22.08 -27.32
CA GLN B 146 5.98 23.29 -28.12
C GLN B 146 4.87 24.29 -27.75
N ARG B 147 3.65 23.81 -27.55
CA ARG B 147 2.52 24.70 -27.37
CA ARG B 147 2.50 24.69 -27.36
C ARG B 147 2.45 25.28 -25.95
N PHE B 148 2.91 24.54 -24.95
CA PHE B 148 2.88 25.00 -23.57
C PHE B 148 4.24 25.56 -23.15
N ASP B 149 4.20 26.58 -22.30
CA ASP B 149 5.44 27.21 -21.85
C ASP B 149 6.29 26.25 -21.03
N THR B 150 5.68 25.54 -20.09
CA THR B 150 6.33 24.45 -19.38
C THR B 150 5.35 23.28 -19.29
N VAL B 151 5.90 22.09 -19.10
CA VAL B 151 5.13 20.87 -18.94
C VAL B 151 5.61 20.18 -17.67
N ASN B 152 4.70 19.91 -16.74
CA ASN B 152 5.06 19.50 -15.40
C ASN B 152 4.22 18.29 -15.00
N LEU B 153 4.86 17.25 -14.49
CA LEU B 153 4.18 16.02 -14.13
C LEU B 153 4.49 15.68 -12.68
N ILE B 154 3.45 15.56 -11.86
CA ILE B 154 3.57 15.21 -10.45
C ILE B 154 2.92 13.84 -10.28
N HIS B 155 3.72 12.83 -9.88
CA HIS B 155 3.22 11.47 -9.73
C HIS B 155 3.26 11.07 -8.27
N SER B 156 2.08 10.88 -7.68
CA SER B 156 1.95 10.46 -6.29
C SER B 156 1.71 8.96 -6.20
N VAL B 157 2.47 8.30 -5.34
CA VAL B 157 2.31 6.88 -5.03
C VAL B 157 2.55 6.73 -3.54
N SER B 158 2.29 5.55 -3.01
CA SER B 158 2.50 5.34 -1.58
C SER B 158 3.98 5.15 -1.22
N PHE B 159 4.68 4.30 -1.97
CA PHE B 159 6.06 3.90 -1.68
C PHE B 159 6.92 4.05 -2.93
N PRO B 160 8.21 4.34 -2.77
CA PRO B 160 9.03 4.67 -3.96
C PRO B 160 9.17 3.54 -4.95
N GLU B 161 9.02 2.28 -4.55
CA GLU B 161 9.03 1.18 -5.49
C GLU B 161 7.95 1.30 -6.55
N GLU B 162 6.91 2.09 -6.27
CA GLU B 162 5.82 2.25 -7.23
C GLU B 162 6.12 3.31 -8.28
N LEU B 163 7.22 4.07 -8.13
CA LEU B 163 7.59 5.10 -9.10
C LEU B 163 8.34 4.44 -10.27
N ILE B 164 7.58 3.66 -11.05
CA ILE B 164 8.25 2.78 -12.00
C ILE B 164 8.72 3.49 -13.26
N PHE B 165 8.35 4.75 -13.44
CA PHE B 165 8.82 5.55 -14.58
C PHE B 165 9.83 6.61 -14.15
N ASN B 166 10.32 6.52 -12.91
CA ASN B 166 11.08 7.63 -12.32
C ASN B 166 12.37 7.88 -13.09
N ASP B 167 13.13 6.81 -13.37
CA ASP B 167 14.41 6.96 -14.07
C ASP B 167 14.20 7.65 -15.42
N ARG B 168 13.20 7.21 -16.16
CA ARG B 168 12.97 7.76 -17.50
C ARG B 168 12.51 9.21 -17.42
N LEU B 169 11.64 9.54 -16.46
CA LEU B 169 11.11 10.90 -16.38
C LEU B 169 12.10 11.86 -15.72
N ALA B 170 12.86 11.39 -14.72
CA ALA B 170 13.89 12.23 -14.12
C ALA B 170 14.94 12.61 -15.16
N ALA B 171 15.29 11.67 -16.05
CA ALA B 171 16.28 11.97 -17.09
C ALA B 171 15.72 12.97 -18.08
N LEU B 172 14.45 12.85 -18.44
CA LEU B 172 13.81 13.83 -19.29
C LEU B 172 13.75 15.20 -18.62
N SER B 173 13.67 15.22 -17.29
CA SER B 173 13.64 16.43 -16.49
C SER B 173 15.00 17.12 -16.42
N GLU B 174 16.06 16.48 -16.92
CA GLU B 174 17.41 17.03 -16.85
C GLU B 174 18.16 16.83 -18.17
N HIS B 183 11.33 25.42 -23.60
CA HIS B 183 10.18 24.93 -22.84
C HIS B 183 10.54 23.69 -22.02
N SER B 184 10.64 23.88 -20.71
CA SER B 184 11.20 22.86 -19.84
C SER B 184 10.15 21.81 -19.47
N PHE B 185 10.63 20.59 -19.21
CA PHE B 185 9.82 19.54 -18.61
C PHE B 185 10.30 19.30 -17.19
N ARG B 186 9.36 19.18 -16.25
CA ARG B 186 9.66 18.96 -14.84
C ARG B 186 8.90 17.75 -14.34
N PHE B 187 9.59 16.89 -13.59
CA PHE B 187 8.97 15.72 -12.98
C PHE B 187 9.18 15.77 -11.47
N VAL B 188 8.09 15.62 -10.72
CA VAL B 188 8.13 15.65 -9.26
C VAL B 188 7.50 14.38 -8.73
N PRO B 189 8.29 13.43 -8.22
CA PRO B 189 7.71 12.27 -7.55
C PRO B 189 7.24 12.60 -6.15
N VAL B 190 6.12 12.01 -5.76
CA VAL B 190 5.55 12.16 -4.42
C VAL B 190 5.34 10.76 -3.85
N THR B 191 5.85 10.52 -2.64
CA THR B 191 5.58 9.27 -1.93
C THR B 191 4.84 9.60 -0.64
N THR B 192 3.58 9.19 -0.56
CA THR B 192 2.73 9.62 0.55
C THR B 192 2.97 8.85 1.84
N ARG B 193 3.49 7.63 1.77
CA ARG B 193 3.62 6.80 2.96
C ARG B 193 5.06 6.43 3.28
N ALA B 194 6.03 7.07 2.62
CA ALA B 194 7.42 6.74 2.80
C ALA B 194 8.24 8.00 2.54
N ALA B 195 9.48 8.00 2.99
N ALA B 195 9.32 8.12 3.31
CA ALA B 195 10.41 9.03 2.54
CA ALA B 195 10.06 9.35 3.44
C ALA B 195 10.96 8.69 1.15
C ALA B 195 11.08 9.46 2.32
N ASN B 196 11.10 9.72 0.30
N ASN B 196 11.31 10.69 1.88
CA ASN B 196 11.80 9.59 -0.98
CA ASN B 196 12.32 10.97 0.87
C ASN B 196 12.69 10.81 -1.17
C ASN B 196 13.10 12.19 1.33
N PRO B 197 13.89 10.63 -1.74
N PRO B 197 14.34 12.01 1.79
CA PRO B 197 14.85 11.74 -1.77
CA PRO B 197 15.13 13.19 2.18
C PRO B 197 14.61 12.74 -2.89
C PRO B 197 15.44 14.12 1.03
N SER B 198 14.13 12.26 -4.04
N SER B 198 15.24 13.69 -0.22
CA SER B 198 14.06 13.07 -5.24
CA SER B 198 15.58 14.48 -1.40
C SER B 198 12.85 14.00 -5.30
C SER B 198 14.36 15.02 -2.13
N GLY B 199 11.92 13.89 -4.35
N GLY B 199 13.15 14.79 -1.62
CA GLY B 199 10.69 14.68 -4.39
CA GLY B 199 11.99 15.21 -2.35
C GLY B 199 10.14 14.97 -3.03
C GLY B 199 10.74 15.18 -1.50
N LEU B 200 8.82 14.97 -2.92
N LEU B 200 9.61 15.44 -2.16
CA LEU B 200 8.10 15.33 -1.71
CA LEU B 200 8.32 15.50 -1.49
C LEU B 200 7.51 14.10 -1.06
C LEU B 200 7.91 14.12 -0.99
N SER B 201 7.49 14.06 0.27
CA SER B 201 7.13 12.82 0.93
CA SER B 201 7.08 12.82 0.89
C SER B 201 6.21 13.09 2.12
N GLY B 202 5.34 12.12 2.41
CA GLY B 202 4.53 12.14 3.60
C GLY B 202 3.22 12.88 3.48
N LYS B 203 2.93 13.50 2.33
CA LYS B 203 1.73 14.30 2.16
C LYS B 203 1.14 14.01 0.78
N ARG B 204 -0.18 14.13 0.69
CA ARG B 204 -0.90 13.94 -0.55
C ARG B 204 -0.92 15.23 -1.38
N ILE B 205 -1.23 15.06 -2.67
CA ILE B 205 -1.21 16.21 -3.59
C ILE B 205 -2.08 17.37 -3.13
N PRO B 206 -3.32 17.16 -2.64
CA PRO B 206 -4.12 18.33 -2.21
C PRO B 206 -3.40 19.18 -1.17
N GLU B 207 -2.76 18.56 -0.17
CA GLU B 207 -2.05 19.34 0.83
C GLU B 207 -0.84 20.04 0.23
N LEU B 208 -0.15 19.36 -0.69
CA LEU B 208 1.03 19.95 -1.35
C LEU B 208 0.65 21.13 -2.22
N LEU B 209 -0.58 21.16 -2.75
CA LEU B 209 -1.05 22.35 -3.44
C LEU B 209 -1.32 23.48 -2.46
N LYS B 210 -1.98 23.16 -1.33
CA LYS B 210 -2.35 24.16 -0.35
C LYS B 210 -1.13 24.87 0.22
N ASN B 211 -0.11 24.10 0.62
CA ASN B 211 1.07 24.69 1.26
C ASN B 211 2.10 25.19 0.25
N ASN B 212 1.73 25.24 -1.04
CA ASN B 212 2.57 25.75 -2.13
C ASN B 212 3.83 24.91 -2.36
N SER B 213 3.85 23.65 -1.91
CA SER B 213 5.03 22.82 -2.10
C SER B 213 5.23 22.42 -3.56
N ILE B 214 4.14 22.21 -4.30
CA ILE B 214 4.30 21.84 -5.71
C ILE B 214 4.78 23.03 -6.53
N GLU B 215 4.21 24.21 -6.26
CA GLU B 215 4.71 25.42 -6.89
C GLU B 215 6.20 25.62 -6.63
N GLN B 216 6.64 25.37 -5.39
CA GLN B 216 8.05 25.57 -5.06
C GLN B 216 8.93 24.52 -5.73
N ALA B 217 8.46 23.27 -5.78
CA ALA B 217 9.24 22.21 -6.41
C ALA B 217 9.40 22.44 -7.91
N LEU B 218 8.42 23.10 -8.54
CA LEU B 218 8.49 23.41 -9.97
C LEU B 218 9.21 24.71 -10.27
N HIS B 219 9.51 25.52 -9.25
CA HIS B 219 10.12 26.85 -9.44
C HIS B 219 9.33 27.69 -10.43
N THR B 220 8.01 27.53 -10.44
CA THR B 220 7.11 28.25 -11.34
C THR B 220 5.89 28.70 -10.56
N LYS B 221 5.59 30.00 -10.62
CA LYS B 221 4.39 30.52 -9.99
C LYS B 221 3.14 29.98 -10.71
N LEU B 222 2.23 29.40 -9.94
CA LEU B 222 0.97 28.90 -10.48
C LEU B 222 -0.15 29.91 -10.19
N THR B 223 -0.87 30.31 -11.23
CA THR B 223 -1.98 31.23 -11.13
C THR B 223 -3.09 30.79 -12.06
N PRO B 224 -4.34 31.20 -11.80
CA PRO B 224 -5.42 30.91 -12.74
C PRO B 224 -5.20 31.45 -14.14
N GLU B 225 -4.52 32.59 -14.29
CA GLU B 225 -4.32 33.15 -15.62
C GLU B 225 -3.35 32.29 -16.44
N SER B 226 -2.35 31.70 -15.80
CA SER B 226 -1.23 31.09 -16.52
C SER B 226 -1.15 29.57 -16.41
N THR B 227 -1.82 28.95 -15.45
CA THR B 227 -1.67 27.51 -15.21
C THR B 227 -2.89 26.74 -15.71
N ARG B 228 -2.63 25.56 -16.27
CA ARG B 228 -3.71 24.66 -16.67
C ARG B 228 -3.40 23.30 -16.06
N PHE B 229 -4.37 22.74 -15.33
CA PHE B 229 -4.20 21.50 -14.59
C PHE B 229 -4.94 20.36 -15.27
N MET B 230 -4.33 19.18 -15.28
CA MET B 230 -5.02 17.94 -15.59
C MET B 230 -4.84 16.98 -14.43
N ILE B 231 -5.90 16.26 -14.08
CA ILE B 231 -5.91 15.39 -12.89
C ILE B 231 -6.36 13.99 -13.30
N CYS B 232 -5.59 12.97 -12.92
CA CYS B 232 -6.01 11.59 -13.14
C CYS B 232 -5.49 10.72 -12.01
N GLY B 233 -6.37 10.14 -11.22
CA GLY B 233 -5.93 9.39 -10.05
C GLY B 233 -7.09 8.72 -9.36
N ASN B 234 -6.85 8.25 -8.14
CA ASN B 234 -7.93 7.57 -7.44
C ASN B 234 -9.08 8.57 -7.19
N PRO B 235 -10.32 8.09 -7.15
CA PRO B 235 -11.47 9.01 -7.04
C PRO B 235 -11.38 9.99 -5.89
N GLU B 236 -10.92 9.58 -4.71
CA GLU B 236 -10.85 10.51 -3.59
C GLU B 236 -9.80 11.59 -3.86
N MET B 237 -8.66 11.22 -4.44
CA MET B 237 -7.66 12.22 -4.79
C MET B 237 -8.21 13.19 -5.82
N VAL B 238 -8.88 12.69 -6.86
CA VAL B 238 -9.38 13.60 -7.89
C VAL B 238 -10.36 14.59 -7.28
N LYS B 239 -11.28 14.10 -6.45
CA LYS B 239 -12.25 14.98 -5.80
C LYS B 239 -11.54 16.01 -4.91
N ASP B 240 -10.64 15.54 -4.05
CA ASP B 240 -9.97 16.47 -3.13
C ASP B 240 -9.12 17.47 -3.88
N THR B 241 -8.48 17.04 -4.96
CA THR B 241 -7.62 17.93 -5.72
C THR B 241 -8.43 19.03 -6.41
N PHE B 242 -9.51 18.66 -7.08
CA PHE B 242 -10.23 19.70 -7.79
C PHE B 242 -10.96 20.61 -6.81
N GLN B 243 -11.45 20.08 -5.68
CA GLN B 243 -12.07 20.97 -4.70
C GLN B 243 -11.06 21.92 -4.08
N THR B 244 -9.82 21.45 -3.88
CA THR B 244 -8.75 22.31 -3.38
C THR B 244 -8.42 23.41 -4.39
N LEU B 245 -8.31 23.06 -5.67
CA LEU B 245 -8.03 24.06 -6.69
C LEU B 245 -9.16 25.08 -6.82
N LEU B 246 -10.42 24.64 -6.72
CA LEU B 246 -11.51 25.62 -6.72
C LEU B 246 -11.38 26.59 -5.56
N ASP B 247 -10.99 26.09 -4.38
CA ASP B 247 -10.79 26.97 -3.24
C ASP B 247 -9.66 27.96 -3.49
N MET B 248 -8.68 27.59 -4.31
CA MET B 248 -7.54 28.44 -4.64
C MET B 248 -7.80 29.37 -5.81
N GLY B 249 -9.02 29.39 -6.36
CA GLY B 249 -9.38 30.34 -7.39
C GLY B 249 -9.45 29.79 -8.80
N TYR B 250 -9.22 28.50 -8.98
CA TYR B 250 -9.27 27.86 -10.29
C TYR B 250 -10.71 27.42 -10.59
N ALA B 251 -10.95 27.06 -11.85
CA ALA B 251 -12.29 26.66 -12.29
C ALA B 251 -12.17 25.51 -13.29
N MET B 252 -13.24 24.71 -13.37
CA MET B 252 -13.30 23.63 -14.34
C MET B 252 -13.38 24.15 -15.77
N HIS B 253 -12.64 23.51 -16.66
CA HIS B 253 -12.92 23.61 -18.08
C HIS B 253 -14.30 23.02 -18.38
N ARG B 254 -15.08 23.72 -19.21
CA ARG B 254 -16.40 23.27 -19.62
C ARG B 254 -16.52 23.43 -21.13
N ASN B 255 -17.66 23.02 -21.69
CA ASN B 255 -17.88 23.13 -23.12
C ASN B 255 -17.64 24.56 -23.62
N ARG B 256 -18.10 25.56 -22.86
CA ARG B 256 -17.97 26.95 -23.28
C ARG B 256 -17.15 27.80 -22.32
N ILE B 257 -16.60 27.21 -21.27
CA ILE B 257 -15.78 27.92 -20.30
C ILE B 257 -14.35 27.42 -20.46
N PRO B 258 -13.39 28.30 -20.76
CA PRO B 258 -11.99 27.82 -20.88
C PRO B 258 -11.50 27.14 -19.62
N GLY B 259 -11.64 27.79 -18.47
CA GLY B 259 -11.28 27.15 -17.22
C GLY B 259 -9.80 26.79 -17.14
N GLN B 260 -9.47 26.09 -16.05
CA GLN B 260 -8.08 25.71 -15.80
C GLN B 260 -7.93 24.26 -15.37
N ILE B 261 -8.99 23.46 -15.36
CA ILE B 261 -8.91 22.10 -14.82
C ILE B 261 -9.63 21.12 -15.74
N MET B 262 -8.96 20.01 -16.08
CA MET B 262 -9.62 18.84 -16.63
CA MET B 262 -9.59 18.83 -16.65
C MET B 262 -9.27 17.64 -15.74
N MET B 263 -10.22 16.71 -15.62
CA MET B 263 -9.98 15.57 -14.74
C MET B 263 -10.69 14.31 -15.22
N GLU B 264 -10.16 13.17 -14.77
CA GLU B 264 -10.73 11.87 -15.07
C GLU B 264 -10.35 10.92 -13.95
N ASN B 265 -11.31 10.18 -13.40
CA ASN B 265 -10.98 9.17 -12.40
C ASN B 265 -10.13 8.08 -13.05
N GLY B 266 -9.09 7.65 -12.32
CA GLY B 266 -8.19 6.63 -12.85
C GLY B 266 -8.72 5.20 -12.76
N PHE B 267 -9.82 5.01 -12.05
CA PHE B 267 -10.50 3.73 -11.99
C PHE B 267 -11.84 3.97 -11.32
#